data_5JUR
#
_entry.id   5JUR
#
_cell.length_a   81.180
_cell.length_b   81.180
_cell.length_c   54.430
_cell.angle_alpha   90.000
_cell.angle_beta   90.000
_cell.angle_gamma   120.000
#
_symmetry.space_group_name_H-M   'P 65'
#
loop_
_entity.id
_entity.type
_entity.pdbx_description
1 polymer 'Polymerase basic protein 2'
2 non-polymer '(3~{R})-3-[[5-fluoranyl-2-(5-fluoranyl-1~{H}-pyrrolo[2,3-b]pyridin-3-yl)pyrimidin-4-yl]amino]-4,4-dimethyl-pentanoic acid'
3 water water
#
_entity_poly.entity_id   1
_entity_poly.type   'polypeptide(L)'
_entity_poly.pdbx_seq_one_letter_code
;GHMRISSSFSFGGFTFKRTSGSSIKREEEVLTGNLQTLKIRVHEGYEEFTMVGKRATAILRKATRRLVQLIVSGKDEQSI
AEAIIVAMVFSQEDCMIKAVRGDLNFVNRANQRLNPMHQLLRHFQKDAKVLFQNWGIEHIDNVMGMVGVLPDMTPSTEMS
MRGIRVSKM
;
_entity_poly.pdbx_strand_id   A
#
loop_
_chem_comp.id
_chem_comp.type
_chem_comp.name
_chem_comp.formula
6NS non-polymer '(3~{R})-3-[[5-fluoranyl-2-(5-fluoranyl-1~{H}-pyrrolo[2,3-b]pyridin-3-yl)pyrimidin-4-yl]amino]-4,4-dimethyl-pentanoic acid' 'C18 H19 F2 N5 O2'
#
# COMPACT_ATOMS: atom_id res chain seq x y z
N SER A 7 13.70 -15.05 3.95
CA SER A 7 14.36 -13.92 3.27
C SER A 7 13.57 -12.57 3.42
N SER A 8 13.90 -11.93 4.53
CA SER A 8 13.32 -10.69 4.99
C SER A 8 14.04 -9.46 4.41
N PHE A 9 13.30 -8.33 4.31
CA PHE A 9 13.84 -7.04 3.86
C PHE A 9 13.14 -5.86 4.53
N SER A 10 13.74 -4.65 4.44
CA SER A 10 13.24 -3.46 5.09
C SER A 10 12.76 -2.38 4.12
N PHE A 11 11.63 -1.73 4.40
CA PHE A 11 11.14 -0.62 3.56
C PHE A 11 10.18 0.28 4.30
N GLY A 12 10.51 1.57 4.40
CA GLY A 12 9.69 2.56 5.08
C GLY A 12 9.43 2.29 6.55
N GLY A 13 10.41 1.71 7.25
CA GLY A 13 10.27 1.39 8.67
C GLY A 13 9.59 0.06 8.97
N PHE A 14 9.26 -0.70 7.90
CA PHE A 14 8.63 -2.01 8.05
C PHE A 14 9.53 -3.14 7.59
N THR A 15 9.49 -4.24 8.33
CA THR A 15 10.19 -5.46 7.95
C THR A 15 9.18 -6.25 7.14
N PHE A 16 9.53 -6.53 5.89
CA PHE A 16 8.69 -7.32 5.00
C PHE A 16 9.28 -8.72 4.97
N LYS A 17 8.40 -9.73 4.97
CA LYS A 17 8.80 -11.12 4.85
C LYS A 17 7.82 -11.70 3.88
N ARG A 18 8.34 -12.32 2.81
CA ARG A 18 7.47 -12.96 1.85
C ARG A 18 7.00 -14.28 2.46
N THR A 19 5.68 -14.46 2.54
CA THR A 19 5.11 -15.68 3.11
C THR A 19 4.70 -16.63 2.01
N SER A 20 4.35 -16.10 0.82
CA SER A 20 3.93 -16.90 -0.34
CA SER A 20 3.91 -16.90 -0.34
C SER A 20 4.28 -16.21 -1.66
N GLY A 21 4.32 -17.00 -2.72
CA GLY A 21 4.60 -16.50 -4.06
C GLY A 21 6.03 -16.19 -4.38
N SER A 22 6.24 -15.54 -5.54
CA SER A 22 7.54 -15.13 -6.05
C SER A 22 7.38 -14.08 -7.12
N SER A 23 8.47 -13.36 -7.39
CA SER A 23 8.48 -12.35 -8.43
C SER A 23 9.81 -12.35 -9.15
N ILE A 24 9.79 -11.85 -10.38
CA ILE A 24 10.96 -11.57 -11.18
C ILE A 24 10.92 -10.06 -11.37
N LYS A 25 12.06 -9.45 -11.66
CA LYS A 25 12.08 -8.00 -11.82
C LYS A 25 12.22 -7.61 -13.27
N ARG A 26 11.67 -6.48 -13.62
CA ARG A 26 11.79 -5.90 -14.95
C ARG A 26 11.92 -4.40 -14.75
N GLU A 27 13.00 -3.81 -15.27
CA GLU A 27 13.19 -2.36 -15.21
C GLU A 27 12.17 -1.77 -16.21
N GLU A 28 11.31 -0.87 -15.70
CA GLU A 28 10.25 -0.26 -16.48
C GLU A 28 10.16 1.24 -16.30
N GLU A 29 9.72 1.91 -17.37
CA GLU A 29 9.45 3.34 -17.36
C GLU A 29 7.94 3.59 -17.12
N VAL A 30 7.61 4.43 -16.12
CA VAL A 30 6.23 4.77 -15.74
C VAL A 30 6.00 6.27 -15.82
N LEU A 31 4.75 6.71 -16.07
CA LEU A 31 4.42 8.13 -16.11
C LEU A 31 3.67 8.59 -14.87
N THR A 32 4.18 9.64 -14.21
CA THR A 32 3.48 10.22 -13.06
C THR A 32 2.28 11.09 -13.54
N GLY A 33 1.53 11.66 -12.60
CA GLY A 33 0.47 12.63 -12.85
C GLY A 33 1.00 13.89 -13.52
N ASN A 34 2.32 14.23 -13.34
CA ASN A 34 2.92 15.40 -14.03
C ASN A 34 3.54 14.99 -15.35
N LEU A 35 3.28 13.75 -15.80
CA LEU A 35 3.80 13.21 -17.07
C LEU A 35 5.35 13.14 -17.06
N GLN A 36 5.91 12.91 -15.88
CA GLN A 36 7.33 12.67 -15.70
C GLN A 36 7.60 11.14 -15.80
N THR A 37 8.64 10.79 -16.58
CA THR A 37 9.09 9.41 -16.68
C THR A 37 10.03 9.05 -15.53
N LEU A 38 9.71 7.99 -14.82
CA LEU A 38 10.55 7.38 -13.80
C LEU A 38 10.88 5.96 -14.25
N LYS A 39 12.09 5.54 -14.04
CA LYS A 39 12.44 4.16 -14.28
C LYS A 39 12.38 3.45 -12.92
N ILE A 40 11.55 2.42 -12.77
CA ILE A 40 11.45 1.64 -11.53
C ILE A 40 11.65 0.16 -11.83
N ARG A 41 12.10 -0.58 -10.83
CA ARG A 41 12.29 -2.01 -10.97
C ARG A 41 10.95 -2.69 -10.60
N VAL A 42 10.20 -3.11 -11.61
CA VAL A 42 8.89 -3.71 -11.41
C VAL A 42 8.98 -5.19 -11.05
N HIS A 43 8.26 -5.57 -9.98
CA HIS A 43 8.18 -6.94 -9.54
C HIS A 43 6.96 -7.60 -10.18
N GLU A 44 7.22 -8.67 -10.91
CA GLU A 44 6.17 -9.36 -11.62
C GLU A 44 5.83 -10.66 -10.94
N GLY A 45 4.57 -10.81 -10.59
CA GLY A 45 4.12 -12.03 -9.94
C GLY A 45 3.19 -11.78 -8.77
N TYR A 46 2.65 -12.85 -8.23
CA TYR A 46 1.75 -12.74 -7.09
C TYR A 46 2.51 -13.12 -5.84
N GLU A 47 2.49 -12.21 -4.85
CA GLU A 47 3.19 -12.39 -3.58
C GLU A 47 2.33 -12.01 -2.40
N GLU A 48 2.63 -12.63 -1.24
CA GLU A 48 1.96 -12.29 0.01
C GLU A 48 3.04 -12.02 1.04
N PHE A 49 2.91 -10.90 1.76
CA PHE A 49 3.88 -10.47 2.75
C PHE A 49 3.28 -10.20 4.08
N THR A 50 4.13 -10.23 5.10
CA THR A 50 3.78 -9.66 6.40
C THR A 50 4.57 -8.36 6.40
N MET A 51 3.99 -7.33 7.00
CA MET A 51 4.67 -6.04 7.22
C MET A 51 4.70 -5.84 8.70
N VAL A 52 5.89 -5.85 9.30
CA VAL A 52 6.00 -5.69 10.72
C VAL A 52 6.71 -4.40 10.99
N GLY A 53 6.02 -3.49 11.68
CA GLY A 53 6.60 -2.24 12.13
C GLY A 53 6.50 -2.12 13.64
N LYS A 54 7.16 -1.09 14.17
CA LYS A 54 7.14 -0.80 15.58
C LYS A 54 5.74 -0.39 16.06
N ARG A 55 4.88 0.17 15.19
CA ARG A 55 3.56 0.60 15.65
C ARG A 55 2.36 0.22 14.77
N ALA A 56 2.60 -0.64 13.81
CA ALA A 56 1.59 -1.21 12.93
C ALA A 56 2.14 -2.51 12.34
N THR A 57 1.22 -3.44 12.03
CA THR A 57 1.56 -4.68 11.35
C THR A 57 0.51 -4.86 10.31
N ALA A 58 0.83 -5.58 9.22
CA ALA A 58 -0.11 -5.80 8.16
C ALA A 58 0.15 -7.05 7.35
N ILE A 59 -0.88 -7.51 6.67
CA ILE A 59 -0.82 -8.59 5.70
C ILE A 59 -1.11 -7.93 4.36
N LEU A 60 -0.16 -8.04 3.43
CA LEU A 60 -0.27 -7.51 2.09
C LEU A 60 -0.30 -8.62 1.08
N ARG A 61 -1.23 -8.55 0.16
CA ARG A 61 -1.32 -9.48 -0.95
C ARG A 61 -1.35 -8.64 -2.21
N LYS A 62 -0.38 -8.86 -3.10
CA LYS A 62 -0.22 -8.09 -4.31
C LYS A 62 0.12 -8.92 -5.52
N ALA A 63 -0.26 -8.41 -6.68
CA ALA A 63 0.08 -8.93 -8.00
C ALA A 63 0.97 -7.85 -8.67
N THR A 64 1.30 -8.03 -9.98
CA THR A 64 2.16 -7.08 -10.67
C THR A 64 1.53 -5.72 -10.72
N ARG A 65 2.11 -4.76 -9.97
CA ARG A 65 1.62 -3.37 -9.94
C ARG A 65 0.13 -3.27 -9.54
N ARG A 66 -0.30 -4.15 -8.65
CA ARG A 66 -1.67 -4.16 -8.18
C ARG A 66 -1.75 -4.74 -6.78
N LEU A 67 -2.27 -3.95 -5.82
CA LEU A 67 -2.54 -4.39 -4.45
C LEU A 67 -3.88 -5.14 -4.50
N VAL A 68 -3.87 -6.38 -4.03
CA VAL A 68 -5.07 -7.22 -4.04
C VAL A 68 -5.84 -6.99 -2.72
N GLN A 69 -5.12 -6.97 -1.59
CA GLN A 69 -5.69 -6.74 -0.27
C GLN A 69 -4.62 -6.38 0.76
N LEU A 70 -4.97 -5.47 1.68
CA LEU A 70 -4.14 -5.04 2.80
C LEU A 70 -4.98 -5.00 4.07
N ILE A 71 -4.61 -5.84 5.03
CA ILE A 71 -5.28 -5.90 6.33
C ILE A 71 -4.31 -5.26 7.31
N VAL A 72 -4.69 -4.12 7.90
CA VAL A 72 -3.84 -3.37 8.82
C VAL A 72 -4.30 -3.37 10.24
N SER A 73 -3.34 -3.48 11.12
CA SER A 73 -3.52 -3.40 12.54
C SER A 73 -2.49 -2.35 13.00
N GLY A 74 -2.83 -1.56 14.01
CA GLY A 74 -1.93 -0.53 14.50
C GLY A 74 -2.37 0.18 15.76
N LYS A 75 -1.44 1.01 16.31
CA LYS A 75 -1.64 1.76 17.56
C LYS A 75 -2.73 2.82 17.46
N ASP A 76 -2.87 3.45 16.29
CA ASP A 76 -3.83 4.53 16.07
C ASP A 76 -3.90 4.84 14.57
N GLU A 77 -4.76 5.78 14.17
CA GLU A 77 -4.97 6.23 12.81
C GLU A 77 -3.66 6.56 12.10
N GLN A 78 -2.75 7.32 12.76
CA GLN A 78 -1.48 7.74 12.14
C GLN A 78 -0.61 6.57 11.81
N SER A 79 -0.44 5.63 12.75
CA SER A 79 0.38 4.42 12.55
C SER A 79 -0.14 3.59 11.43
N ILE A 80 -1.49 3.43 11.36
CA ILE A 80 -2.19 2.66 10.36
C ILE A 80 -2.02 3.37 9.02
N ALA A 81 -2.28 4.67 8.95
CA ALA A 81 -2.09 5.42 7.70
C ALA A 81 -0.66 5.26 7.14
N GLU A 82 0.34 5.34 8.04
CA GLU A 82 1.75 5.21 7.75
C GLU A 82 1.98 3.85 7.12
N ALA A 83 1.35 2.79 7.63
CA ALA A 83 1.48 1.46 7.00
C ALA A 83 0.80 1.39 5.64
N ILE A 84 -0.38 2.03 5.51
CA ILE A 84 -1.14 2.06 4.27
C ILE A 84 -0.32 2.77 3.18
N ILE A 85 0.35 3.87 3.53
CA ILE A 85 1.11 4.61 2.54
C ILE A 85 2.19 3.70 1.95
N VAL A 86 2.96 2.99 2.83
CA VAL A 86 4.05 2.11 2.44
C VAL A 86 3.52 0.97 1.55
N ALA A 87 2.39 0.36 1.93
CA ALA A 87 1.80 -0.72 1.14
C ALA A 87 1.43 -0.24 -0.24
N MET A 88 0.78 0.94 -0.32
CA MET A 88 0.35 1.53 -1.59
C MET A 88 1.54 1.84 -2.49
N VAL A 89 2.62 2.41 -1.92
CA VAL A 89 3.84 2.71 -2.70
C VAL A 89 4.49 1.37 -3.12
N PHE A 90 4.62 0.45 -2.16
CA PHE A 90 5.17 -0.89 -2.41
C PHE A 90 4.44 -1.63 -3.53
N SER A 91 3.12 -1.46 -3.62
CA SER A 91 2.26 -2.14 -4.58
C SER A 91 2.67 -1.77 -6.00
N GLN A 92 3.31 -0.58 -6.18
CA GLN A 92 3.75 -0.06 -7.47
C GLN A 92 2.55 0.25 -8.41
N GLU A 93 1.34 0.34 -7.86
CA GLU A 93 0.13 0.64 -8.63
C GLU A 93 0.22 1.91 -9.45
N ASP A 94 -0.36 1.91 -10.67
CA ASP A 94 -0.35 3.09 -11.50
C ASP A 94 -1.09 4.29 -10.91
N CYS A 95 -2.16 4.06 -10.13
CA CYS A 95 -2.86 5.20 -9.51
C CYS A 95 -2.00 5.83 -8.42
N MET A 96 -1.06 5.06 -7.86
CA MET A 96 -0.15 5.62 -6.88
C MET A 96 0.86 6.51 -7.62
N ILE A 97 1.40 6.02 -8.77
CA ILE A 97 2.33 6.79 -9.60
C ILE A 97 1.64 8.04 -10.16
N LYS A 98 0.38 7.89 -10.64
CA LYS A 98 -0.41 9.01 -11.16
C LYS A 98 -0.78 10.04 -10.11
N ALA A 99 -0.63 9.69 -8.81
CA ALA A 99 -0.92 10.60 -7.69
C ALA A 99 0.19 11.55 -7.45
N VAL A 100 1.34 11.32 -8.10
CA VAL A 100 2.45 12.26 -8.02
C VAL A 100 2.13 13.37 -9.02
N ARG A 101 1.70 14.54 -8.53
CA ARG A 101 1.39 15.66 -9.44
C ARG A 101 1.50 17.01 -8.76
N ASN A 115 17.31 5.61 -5.10
CA ASN A 115 16.29 4.67 -5.52
C ASN A 115 14.94 5.40 -5.67
N PRO A 116 14.22 5.20 -6.79
CA PRO A 116 12.92 5.90 -7.00
C PRO A 116 11.76 5.45 -6.11
N MET A 117 11.78 4.18 -5.62
CA MET A 117 10.77 3.71 -4.67
C MET A 117 10.88 4.52 -3.36
N HIS A 118 12.12 4.81 -2.91
CA HIS A 118 12.30 5.63 -1.72
C HIS A 118 11.85 7.06 -1.97
N GLN A 119 12.08 7.55 -3.19
CA GLN A 119 11.66 8.91 -3.58
C GLN A 119 10.16 9.02 -3.60
N LEU A 120 9.45 8.03 -4.16
CA LEU A 120 7.97 7.96 -4.16
C LEU A 120 7.46 7.93 -2.71
N LEU A 121 8.07 7.09 -1.85
CA LEU A 121 7.68 6.96 -0.47
C LEU A 121 7.82 8.26 0.24
N ARG A 122 9.02 8.90 0.17
CA ARG A 122 9.29 10.20 0.81
C ARG A 122 8.29 11.26 0.35
N HIS A 123 7.88 11.19 -0.90
CA HIS A 123 6.88 12.12 -1.41
C HIS A 123 5.52 11.93 -0.78
N PHE A 124 5.03 10.68 -0.67
CA PHE A 124 3.69 10.42 -0.14
C PHE A 124 3.61 10.55 1.35
N GLN A 125 4.71 10.27 2.06
CA GLN A 125 4.80 10.48 3.50
C GLN A 125 4.51 11.93 3.87
N LYS A 126 4.92 12.92 3.04
CA LYS A 126 4.65 14.35 3.32
C LYS A 126 3.17 14.69 3.29
N ASP A 127 2.48 14.17 2.28
CA ASP A 127 1.05 14.36 2.13
C ASP A 127 0.47 13.27 1.26
N ALA A 128 -0.31 12.38 1.92
CA ALA A 128 -0.95 11.25 1.28
C ALA A 128 -2.39 11.57 0.90
N LYS A 129 -2.77 12.85 0.99
CA LYS A 129 -4.13 13.25 0.65
C LYS A 129 -4.44 12.92 -0.80
N VAL A 130 -3.55 13.29 -1.73
CA VAL A 130 -3.81 13.02 -3.15
C VAL A 130 -3.75 11.52 -3.46
N LEU A 131 -2.78 10.83 -2.84
CA LEU A 131 -2.63 9.38 -2.96
C LEU A 131 -3.93 8.68 -2.53
N PHE A 132 -4.46 9.05 -1.34
CA PHE A 132 -5.64 8.46 -0.79
C PHE A 132 -6.90 8.78 -1.60
N GLN A 133 -7.04 10.00 -2.16
CA GLN A 133 -8.22 10.34 -2.97
C GLN A 133 -8.22 9.53 -4.26
N ASN A 134 -7.11 9.63 -5.02
CA ASN A 134 -6.90 9.04 -6.32
C ASN A 134 -6.90 7.51 -6.32
N TRP A 135 -6.85 6.89 -5.14
CA TRP A 135 -6.74 5.44 -5.00
C TRP A 135 -8.00 4.72 -5.39
N GLY A 136 -9.14 5.29 -5.03
CA GLY A 136 -10.44 4.68 -5.27
C GLY A 136 -11.04 4.13 -4.01
N ILE A 137 -12.38 4.06 -3.97
CA ILE A 137 -13.14 3.51 -2.85
C ILE A 137 -14.12 2.46 -3.34
N GLU A 138 -14.39 1.46 -2.49
CA GLU A 138 -15.26 0.34 -2.82
C GLU A 138 -16.20 0.00 -1.70
N HIS A 139 -17.35 -0.62 -2.05
CA HIS A 139 -18.28 -1.12 -1.07
C HIS A 139 -17.68 -2.38 -0.46
N ILE A 140 -18.02 -2.66 0.81
CA ILE A 140 -17.46 -3.80 1.53
C ILE A 140 -18.55 -4.75 2.01
N ASP A 141 -18.14 -5.91 2.49
CA ASP A 141 -19.03 -6.90 3.10
C ASP A 141 -18.71 -6.81 4.58
N ASN A 142 -19.60 -7.14 5.50
CA ASN A 142 -19.04 -6.85 6.80
C ASN A 142 -18.46 -8.10 7.46
N VAL A 143 -17.21 -8.40 7.07
CA VAL A 143 -16.42 -9.38 7.77
C VAL A 143 -16.31 -8.55 9.02
N MET A 144 -16.40 -9.16 10.18
CA MET A 144 -16.44 -8.41 11.42
C MET A 144 -15.07 -8.45 12.05
N GLY A 145 -14.74 -7.41 12.79
CA GLY A 145 -13.42 -7.30 13.41
C GLY A 145 -12.50 -6.62 12.42
N MET A 146 -13.05 -6.34 11.25
CA MET A 146 -12.38 -5.65 10.18
C MET A 146 -13.30 -4.58 9.77
N VAL A 147 -12.76 -3.39 9.62
CA VAL A 147 -13.54 -2.21 9.22
C VAL A 147 -12.93 -1.53 8.01
N GLY A 148 -13.78 -0.87 7.26
CA GLY A 148 -13.36 -0.08 6.12
C GLY A 148 -12.78 1.23 6.58
N VAL A 149 -11.91 1.79 5.78
CA VAL A 149 -11.31 3.06 6.13
C VAL A 149 -11.43 4.00 4.92
N LEU A 150 -11.93 5.20 5.17
CA LEU A 150 -12.13 6.17 4.12
C LEU A 150 -10.85 6.98 3.85
N PRO A 151 -10.73 7.63 2.67
CA PRO A 151 -9.51 8.41 2.36
C PRO A 151 -9.04 9.38 3.43
N ASP A 152 -9.95 9.85 4.30
CA ASP A 152 -9.56 10.77 5.37
C ASP A 152 -9.34 10.05 6.70
N MET A 153 -9.19 8.72 6.62
CA MET A 153 -8.95 7.79 7.73
C MET A 153 -10.15 7.61 8.70
N THR A 154 -11.36 8.02 8.30
CA THR A 154 -12.56 7.76 9.10
C THR A 154 -12.90 6.30 8.89
N PRO A 155 -13.24 5.57 9.97
CA PRO A 155 -13.68 4.19 9.78
C PRO A 155 -15.12 4.13 9.26
N SER A 156 -15.40 3.14 8.41
CA SER A 156 -16.73 2.93 7.83
C SER A 156 -17.01 1.45 7.79
N THR A 157 -18.30 1.08 7.92
CA THR A 157 -18.67 -0.32 7.81
C THR A 157 -19.25 -0.62 6.41
N GLU A 158 -19.41 0.42 5.56
CA GLU A 158 -19.98 0.29 4.22
C GLU A 158 -18.95 0.38 3.14
N MET A 159 -17.97 1.31 3.29
CA MET A 159 -17.01 1.58 2.24
C MET A 159 -15.59 1.73 2.71
N SER A 160 -14.65 1.34 1.88
CA SER A 160 -13.22 1.45 2.17
C SER A 160 -12.43 1.73 0.90
N MET A 161 -11.21 2.23 1.06
CA MET A 161 -10.31 2.37 -0.07
C MET A 161 -10.04 0.95 -0.60
N ARG A 162 -10.05 0.78 -1.93
CA ARG A 162 -9.85 -0.52 -2.60
C ARG A 162 -8.86 -1.44 -1.88
N GLY A 163 -9.34 -2.60 -1.47
CA GLY A 163 -8.53 -3.61 -0.85
C GLY A 163 -8.02 -3.35 0.55
N ILE A 164 -8.33 -2.19 1.16
CA ILE A 164 -7.85 -1.83 2.48
C ILE A 164 -8.83 -2.19 3.58
N ARG A 165 -8.38 -3.03 4.52
CA ARG A 165 -9.16 -3.39 5.71
C ARG A 165 -8.35 -3.10 6.99
N VAL A 166 -9.01 -2.64 8.05
CA VAL A 166 -8.41 -2.34 9.37
C VAL A 166 -8.84 -3.42 10.40
N SER A 167 -7.88 -4.08 11.03
CA SER A 167 -8.12 -5.08 12.04
C SER A 167 -7.83 -4.48 13.42
N LYS A 168 -8.57 -4.95 14.45
CA LYS A 168 -8.36 -4.58 15.86
C LYS A 168 -7.02 -5.20 16.37
N MET A 169 -6.24 -4.41 17.13
CA MET A 169 -4.97 -4.84 17.73
C MET A 169 -5.19 -5.95 18.77
F2 6NS B . 15.00 -6.55 -0.93
C9 6NS B . 13.82 -6.66 -1.57
C10 6NS B . 13.20 -7.90 -1.64
N2 6NS B . 12.01 -8.08 -2.24
C11 6NS B . 11.47 -7.02 -2.74
N3 6NS B . 11.95 -5.78 -2.75
C8 6NS B . 13.14 -5.57 -2.17
N1 6NS B . 13.56 -4.29 -2.25
C5 6NS B . 12.86 -3.19 -2.90
C6 6NS B . 13.79 -2.70 -4.03
C7 6NS B . 14.02 -3.84 -4.99
O2 6NS B . 15.09 -4.53 -4.73
O1 6NS B . 13.28 -4.09 -5.90
C2 6NS B . 12.52 -2.05 -1.91
C4 6NS B . 11.96 -0.84 -2.67
C3 6NS B . 11.49 -2.53 -0.90
C1 6NS B . 13.79 -1.62 -1.17
C12 6NS B . 10.19 -7.20 -3.35
C15 6NS B . 9.29 -6.23 -3.98
C16 6NS B . 9.37 -4.85 -4.13
C17 6NS B . 8.33 -4.22 -4.76
F1 6NS B . 8.38 -2.87 -4.91
C18 6NS B . 7.21 -4.99 -5.23
N5 6NS B . 7.16 -6.31 -5.09
C14 6NS B . 8.18 -6.90 -4.46
N4 6NS B . 8.32 -8.23 -4.17
C13 6NS B . 9.52 -8.41 -3.52
#